data_3H16
#
_entry.id   3H16
#
_cell.length_a   80.780
_cell.length_b   85.610
_cell.length_c   89.620
_cell.angle_alpha   90.00
_cell.angle_beta   90.00
_cell.angle_gamma   90.00
#
_symmetry.space_group_name_H-M   'P 21 21 21'
#
loop_
_entity.id
_entity.type
_entity.pdbx_description
1 polymer 'TIR protein'
2 non-polymer 'SULFATE ION'
3 water water
#
_entity_poly.entity_id   1
_entity_poly.type   'polypeptide(L)'
_entity_poly.pdbx_seq_one_letter_code
;SAMKPTAGPTTNADLTSAPPHDIFISHAWEDKADFVEALAHTLRAAGAEVWYDDFSLRPGDSLRRSIDKGLGSSRFGIVV
LSTHFFKKEWPQKELDGLFQLESSGRSRILPIWHKVSKDEVASFSPTMADKLAFNTSTKSVDEIVADLMAIIRD
;
_entity_poly.pdbx_strand_id   A,B,C,D
#
# COMPACT_ATOMS: atom_id res chain seq x y z
N ALA A 18 13.59 14.57 35.40
CA ALA A 18 12.53 13.85 34.62
C ALA A 18 12.11 14.67 33.40
N PRO A 19 11.67 13.98 32.33
CA PRO A 19 11.22 14.60 31.09
C PRO A 19 9.89 15.33 31.21
N PRO A 20 9.74 16.44 30.48
CA PRO A 20 8.51 17.23 30.52
C PRO A 20 7.28 16.62 29.86
N HIS A 21 7.45 15.53 29.11
CA HIS A 21 6.32 14.89 28.43
C HIS A 21 6.21 13.42 28.73
N ASP A 22 4.99 12.95 28.97
CA ASP A 22 4.80 11.53 29.26
C ASP A 22 4.84 10.71 27.97
N ILE A 23 4.19 11.23 26.93
CA ILE A 23 4.09 10.53 25.66
C ILE A 23 4.04 11.46 24.45
N PHE A 24 4.64 11.03 23.35
CA PHE A 24 4.57 11.77 22.10
C PHE A 24 3.97 10.77 21.10
N ILE A 25 3.13 11.24 20.19
CA ILE A 25 2.51 10.32 19.24
C ILE A 25 3.02 10.49 17.81
N SER A 26 3.86 9.58 17.36
CA SER A 26 4.41 9.65 16.01
C SER A 26 3.37 9.10 15.04
N HIS A 27 3.06 9.87 14.00
CA HIS A 27 2.04 9.43 13.03
C HIS A 27 2.15 10.14 11.68
N ALA A 28 1.60 9.51 10.64
CA ALA A 28 1.62 10.11 9.30
C ALA A 28 0.62 11.25 9.44
N TRP A 29 0.77 12.29 8.62
CA TRP A 29 -0.14 13.42 8.72
C TRP A 29 -1.58 13.02 8.47
N GLU A 30 -1.80 12.04 7.60
CA GLU A 30 -3.17 11.65 7.28
C GLU A 30 -3.96 11.10 8.47
N ASP A 31 -3.26 10.59 9.47
CA ASP A 31 -3.94 10.04 10.65
C ASP A 31 -4.18 11.05 11.76
N LYS A 32 -3.71 12.28 11.58
CA LYS A 32 -3.88 13.29 12.63
C LYS A 32 -5.33 13.67 12.93
N ALA A 33 -6.10 13.93 11.87
CA ALA A 33 -7.49 14.34 12.00
C ALA A 33 -8.46 13.30 12.56
N ASP A 34 -8.42 12.06 12.06
CA ASP A 34 -9.38 11.05 12.51
C ASP A 34 -8.94 9.98 13.49
N PHE A 35 -7.84 10.19 14.22
CA PHE A 35 -7.42 9.19 15.19
C PHE A 35 -6.50 9.74 16.28
N VAL A 36 -5.35 10.25 15.85
CA VAL A 36 -4.37 10.78 16.78
C VAL A 36 -4.98 11.88 17.65
N GLU A 37 -5.65 12.86 17.04
CA GLU A 37 -6.26 13.92 17.82
C GLU A 37 -7.16 13.30 18.90
N ALA A 38 -7.90 12.27 18.51
CA ALA A 38 -8.80 11.57 19.43
C ALA A 38 -8.04 10.81 20.53
N LEU A 39 -7.01 10.07 20.14
CA LEU A 39 -6.23 9.31 21.11
C LEU A 39 -5.59 10.23 22.13
N ALA A 40 -5.05 11.36 21.66
CA ALA A 40 -4.41 12.33 22.53
C ALA A 40 -5.38 12.95 23.54
N HIS A 41 -6.57 13.30 23.06
CA HIS A 41 -7.57 13.91 23.94
C HIS A 41 -8.03 12.92 25.01
N THR A 42 -8.19 11.66 24.63
CA THR A 42 -8.59 10.63 25.59
C THR A 42 -7.48 10.45 26.62
N LEU A 43 -6.22 10.52 26.17
CA LEU A 43 -5.07 10.36 27.07
C LEU A 43 -4.96 11.53 28.06
N ARG A 44 -5.04 12.75 27.53
CA ARG A 44 -4.95 13.93 28.38
C ARG A 44 -6.03 13.96 29.45
N ALA A 45 -7.22 13.45 29.12
CA ALA A 45 -8.31 13.45 30.09
C ALA A 45 -8.08 12.38 31.14
N ALA A 46 -7.26 11.38 30.80
CA ALA A 46 -6.95 10.29 31.72
C ALA A 46 -5.83 10.69 32.65
N GLY A 47 -5.20 11.83 32.37
CA GLY A 47 -4.13 12.31 33.23
C GLY A 47 -2.75 12.38 32.61
N ALA A 48 -2.59 11.90 31.37
CA ALA A 48 -1.28 11.94 30.74
C ALA A 48 -0.96 13.28 30.07
N GLU A 49 0.32 13.66 30.12
CA GLU A 49 0.80 14.89 29.48
C GLU A 49 1.19 14.37 28.10
N VAL A 50 0.65 14.97 27.05
CA VAL A 50 0.89 14.50 25.68
C VAL A 50 1.15 15.59 24.64
N TRP A 51 2.10 15.33 23.73
CA TRP A 51 2.37 16.28 22.65
C TRP A 51 2.44 15.50 21.34
N TYR A 52 2.02 16.11 20.25
CA TYR A 52 2.00 15.42 18.95
C TYR A 52 1.93 16.37 17.75
N ASP A 53 1.63 17.64 17.99
CA ASP A 53 1.52 18.59 16.91
C ASP A 53 2.74 18.56 15.98
N ASP A 54 3.94 18.50 16.55
CA ASP A 54 5.14 18.47 15.73
C ASP A 54 5.55 17.05 15.33
N PHE A 55 4.67 16.08 15.48
CA PHE A 55 5.05 14.73 15.13
C PHE A 55 4.29 14.12 13.95
N SER A 56 3.68 14.99 13.14
CA SER A 56 2.97 14.53 11.95
C SER A 56 4.02 14.32 10.87
N LEU A 57 4.13 13.10 10.37
CA LEU A 57 5.10 12.79 9.33
C LEU A 57 4.51 12.98 7.93
N ARG A 58 5.23 13.73 7.11
CA ARG A 58 4.81 13.97 5.74
C ARG A 58 5.93 13.45 4.87
N PRO A 59 5.67 13.24 3.57
CA PRO A 59 6.75 12.75 2.71
C PRO A 59 7.94 13.71 2.78
N GLY A 60 9.13 13.16 3.00
CA GLY A 60 10.32 13.99 3.08
C GLY A 60 10.92 14.02 4.47
N ASP A 61 10.08 13.92 5.50
CA ASP A 61 10.54 13.95 6.87
C ASP A 61 11.44 12.78 7.23
N SER A 62 12.27 12.99 8.24
CA SER A 62 13.17 11.96 8.72
C SER A 62 12.47 11.28 9.88
N LEU A 63 12.27 9.97 9.78
CA LEU A 63 11.59 9.24 10.83
C LEU A 63 12.45 9.14 12.09
N ARG A 64 13.73 8.77 11.94
CA ARG A 64 14.60 8.65 13.09
C ARG A 64 14.83 9.96 13.84
N ARG A 65 14.98 11.04 13.08
CA ARG A 65 15.20 12.36 13.64
C ARG A 65 14.03 12.82 14.49
N SER A 66 12.83 12.43 14.05
CA SER A 66 11.60 12.77 14.74
C SER A 66 11.46 11.97 16.03
N ILE A 67 11.75 10.68 15.94
CA ILE A 67 11.66 9.79 17.07
C ILE A 67 12.65 10.25 18.13
N ASP A 68 13.84 10.68 17.70
CA ASP A 68 14.87 11.15 18.62
C ASP A 68 14.45 12.39 19.38
N LYS A 69 13.81 13.33 18.68
CA LYS A 69 13.36 14.55 19.32
C LYS A 69 12.30 14.19 20.34
N GLY A 70 11.57 13.11 20.06
CA GLY A 70 10.51 12.66 20.96
C GLY A 70 11.01 12.02 22.24
N LEU A 71 11.88 11.03 22.14
CA LEU A 71 12.42 10.36 23.32
C LEU A 71 13.34 11.32 24.05
N GLY A 72 13.77 12.36 23.34
CA GLY A 72 14.64 13.36 23.90
C GLY A 72 14.05 14.09 25.09
N SER A 73 12.71 14.10 25.19
CA SER A 73 12.06 14.77 26.30
C SER A 73 10.70 14.17 26.64
N SER A 74 10.53 12.90 26.35
CA SER A 74 9.28 12.21 26.65
C SER A 74 9.65 10.89 27.29
N ARG A 75 8.80 10.38 28.19
CA ARG A 75 9.09 9.11 28.84
C ARG A 75 8.83 7.93 27.91
N PHE A 76 7.79 8.03 27.10
CA PHE A 76 7.43 6.98 26.17
C PHE A 76 7.02 7.56 24.83
N GLY A 77 6.78 6.66 23.88
CA GLY A 77 6.37 7.08 22.56
C GLY A 77 5.43 6.07 21.94
N ILE A 78 4.47 6.56 21.17
CA ILE A 78 3.52 5.71 20.48
C ILE A 78 3.65 5.97 18.99
N VAL A 79 3.72 4.92 18.19
CA VAL A 79 3.80 5.10 16.75
C VAL A 79 2.54 4.47 16.15
N VAL A 80 1.77 5.27 15.40
CA VAL A 80 0.55 4.81 14.77
C VAL A 80 0.88 4.11 13.48
N LEU A 81 0.88 2.78 13.52
CA LEU A 81 1.17 1.97 12.35
C LEU A 81 -0.09 1.73 11.52
N SER A 82 -0.35 2.65 10.60
CA SER A 82 -1.51 2.59 9.72
C SER A 82 -1.00 2.39 8.29
N THR A 83 -1.91 2.32 7.33
CA THR A 83 -1.48 2.15 5.96
C THR A 83 -0.78 3.41 5.46
N HIS A 84 -1.25 4.57 5.89
CA HIS A 84 -0.62 5.82 5.48
C HIS A 84 0.80 5.92 6.04
N PHE A 85 1.02 5.39 7.23
CA PHE A 85 2.36 5.44 7.82
C PHE A 85 3.30 4.64 6.94
N PHE A 86 2.92 3.41 6.60
CA PHE A 86 3.76 2.57 5.76
C PHE A 86 3.98 3.14 4.35
N LYS A 87 2.95 3.76 3.79
CA LYS A 87 3.09 4.31 2.44
C LYS A 87 4.09 5.46 2.32
N LYS A 88 4.59 5.94 3.45
CA LYS A 88 5.60 7.02 3.47
C LYS A 88 6.97 6.44 3.04
N GLU A 89 7.05 5.11 2.97
CA GLU A 89 8.24 4.41 2.54
C GLU A 89 9.54 4.74 3.24
N TRP A 90 9.57 4.45 4.54
CA TRP A 90 10.74 4.70 5.38
C TRP A 90 11.80 3.65 5.13
N PRO A 91 13.02 3.87 5.64
CA PRO A 91 14.12 2.91 5.48
C PRO A 91 13.77 1.73 6.40
N GLN A 92 13.82 0.52 5.87
CA GLN A 92 13.48 -0.65 6.66
C GLN A 92 14.39 -0.82 7.89
N LYS A 93 15.59 -0.24 7.83
CA LYS A 93 16.51 -0.33 8.94
C LYS A 93 15.99 0.52 10.10
N GLU A 94 15.59 1.76 9.81
CA GLU A 94 15.06 2.65 10.84
C GLU A 94 13.78 2.03 11.41
N LEU A 95 12.90 1.60 10.50
CA LEU A 95 11.64 1.01 10.88
C LEU A 95 11.84 -0.18 11.78
N ASP A 96 12.71 -1.11 11.38
CA ASP A 96 12.98 -2.29 12.20
C ASP A 96 13.59 -1.88 13.53
N GLY A 97 14.25 -0.73 13.56
CA GLY A 97 14.87 -0.25 14.77
C GLY A 97 13.89 0.29 15.81
N LEU A 98 12.92 1.08 15.36
CA LEU A 98 11.93 1.67 16.27
C LEU A 98 11.43 0.76 17.37
N PHE A 99 11.36 -0.54 17.12
CA PHE A 99 10.81 -1.43 18.13
C PHE A 99 11.75 -2.37 18.89
N GLN A 100 13.04 -2.07 18.86
CA GLN A 100 14.00 -2.86 19.61
C GLN A 100 13.78 -2.51 21.08
N LEU A 101 13.76 -3.51 21.95
CA LEU A 101 13.53 -3.24 23.37
C LEU A 101 14.78 -2.71 24.06
N GLU A 102 14.58 -1.94 25.12
CA GLU A 102 15.67 -1.34 25.88
C GLU A 102 16.41 -2.39 26.72
N SER A 103 17.73 -2.23 26.81
CA SER A 103 18.55 -3.17 27.58
C SER A 103 18.10 -3.23 29.04
N SER A 104 17.13 -2.39 29.39
CA SER A 104 16.59 -2.35 30.75
C SER A 104 15.36 -3.23 30.84
N GLY A 105 14.94 -3.78 29.70
CA GLY A 105 13.75 -4.61 29.68
C GLY A 105 12.56 -3.72 29.36
N ARG A 106 12.62 -2.48 29.84
CA ARG A 106 11.56 -1.50 29.63
C ARG A 106 11.35 -1.20 28.15
N SER A 107 10.09 -0.99 27.78
CA SER A 107 9.73 -0.67 26.40
C SER A 107 9.45 0.82 26.32
N ARG A 108 10.15 1.51 25.43
CA ARG A 108 9.91 2.94 25.31
C ARG A 108 8.99 3.31 24.14
N ILE A 109 9.06 2.57 23.05
CA ILE A 109 8.20 2.88 21.91
C ILE A 109 7.10 1.84 21.68
N LEU A 110 5.88 2.23 21.98
CA LEU A 110 4.73 1.35 21.84
C LEU A 110 3.95 1.57 20.55
N PRO A 111 3.85 0.51 19.71
CA PRO A 111 3.12 0.61 18.44
C PRO A 111 1.62 0.33 18.55
N ILE A 112 0.84 1.03 17.74
CA ILE A 112 -0.58 0.81 17.71
C ILE A 112 -0.89 0.56 16.24
N TRP A 113 -1.35 -0.65 15.92
CA TRP A 113 -1.72 -0.97 14.56
C TRP A 113 -3.08 -0.32 14.36
N HIS A 114 -3.28 0.28 13.19
CA HIS A 114 -4.54 0.95 12.91
C HIS A 114 -5.06 0.76 11.49
N LYS A 115 -6.20 0.08 11.38
CA LYS A 115 -6.85 -0.18 10.09
C LYS A 115 -5.94 -0.71 8.98
N VAL A 116 -5.19 -1.76 9.27
CA VAL A 116 -4.33 -2.35 8.27
C VAL A 116 -4.64 -3.82 8.09
N SER A 117 -4.24 -4.35 6.94
CA SER A 117 -4.42 -5.76 6.65
C SER A 117 -3.03 -6.36 6.83
N LYS A 118 -2.98 -7.54 7.45
CA LYS A 118 -1.71 -8.21 7.68
C LYS A 118 -1.05 -8.54 6.34
N ASP A 119 -1.81 -9.15 5.43
CA ASP A 119 -1.29 -9.51 4.11
C ASP A 119 -0.87 -8.27 3.33
N GLU A 120 -1.61 -7.19 3.51
CA GLU A 120 -1.35 -5.96 2.79
C GLU A 120 -0.06 -5.23 3.15
N VAL A 121 0.46 -5.45 4.35
CA VAL A 121 1.64 -4.74 4.79
C VAL A 121 2.84 -5.60 5.20
N ALA A 122 2.87 -6.85 4.77
CA ALA A 122 3.93 -7.77 5.14
C ALA A 122 5.34 -7.47 4.63
N SER A 123 5.46 -6.75 3.51
CA SER A 123 6.78 -6.44 2.97
C SER A 123 7.51 -5.40 3.80
N PHE A 124 6.77 -4.68 4.64
CA PHE A 124 7.37 -3.65 5.50
C PHE A 124 7.10 -3.90 6.98
N SER A 125 6.38 -4.96 7.32
CA SER A 125 6.08 -5.22 8.73
C SER A 125 7.37 -5.27 9.51
N PRO A 126 7.51 -4.38 10.49
CA PRO A 126 8.73 -4.33 11.30
C PRO A 126 8.84 -5.40 12.37
N THR A 127 10.09 -5.81 12.60
CA THR A 127 10.46 -6.80 13.60
C THR A 127 10.39 -6.18 14.99
N MET A 128 9.40 -6.60 15.78
CA MET A 128 9.24 -6.03 17.11
C MET A 128 9.18 -7.09 18.19
N ALA A 129 8.94 -6.66 19.43
CA ALA A 129 8.85 -7.55 20.57
C ALA A 129 7.70 -8.54 20.43
N ASP A 130 7.49 -9.35 21.46
CA ASP A 130 6.43 -10.35 21.45
C ASP A 130 5.17 -9.82 22.10
N LYS A 131 4.11 -9.69 21.31
CA LYS A 131 2.83 -9.20 21.81
C LYS A 131 3.02 -7.86 22.52
N LEU A 132 3.79 -6.96 21.91
CA LEU A 132 4.10 -5.65 22.46
C LEU A 132 3.24 -4.53 21.87
N ALA A 133 2.53 -4.83 20.79
CA ALA A 133 1.70 -3.83 20.13
C ALA A 133 0.21 -3.84 20.48
N PHE A 134 -0.41 -2.69 20.28
CA PHE A 134 -1.84 -2.52 20.51
C PHE A 134 -2.47 -2.64 19.13
N ASN A 135 -3.78 -2.82 19.04
CA ASN A 135 -4.45 -2.94 17.75
C ASN A 135 -5.85 -2.38 17.94
N THR A 136 -6.18 -1.29 17.25
CA THR A 136 -7.50 -0.73 17.42
C THR A 136 -8.60 -1.64 16.91
N SER A 137 -8.20 -2.76 16.30
CA SER A 137 -9.14 -3.77 15.78
C SER A 137 -9.54 -4.71 16.91
N THR A 138 -8.70 -4.79 17.93
CA THR A 138 -9.00 -5.69 19.04
C THR A 138 -9.33 -4.90 20.31
N LYS A 139 -9.09 -3.59 20.27
CA LYS A 139 -9.35 -2.73 21.41
C LYS A 139 -9.78 -1.33 21.01
N SER A 140 -10.61 -0.74 21.85
CA SER A 140 -11.10 0.62 21.60
C SER A 140 -10.08 1.58 22.17
N VAL A 141 -10.21 2.86 21.84
CA VAL A 141 -9.31 3.89 22.36
C VAL A 141 -9.29 3.90 23.89
N ASP A 142 -10.45 3.73 24.52
CA ASP A 142 -10.53 3.69 25.99
C ASP A 142 -9.68 2.56 26.56
N GLU A 143 -9.91 1.36 26.04
CA GLU A 143 -9.17 0.18 26.47
C GLU A 143 -7.66 0.37 26.37
N ILE A 144 -7.20 0.88 25.23
CA ILE A 144 -5.78 1.14 24.99
C ILE A 144 -5.23 2.23 25.92
N VAL A 145 -6.03 3.26 26.15
CA VAL A 145 -5.61 4.34 27.03
C VAL A 145 -5.54 3.83 28.47
N ALA A 146 -6.41 2.90 28.82
CA ALA A 146 -6.37 2.34 30.16
C ALA A 146 -5.05 1.61 30.29
N ASP A 147 -4.70 0.83 29.27
CA ASP A 147 -3.46 0.07 29.30
C ASP A 147 -2.25 0.98 29.34
N LEU A 148 -2.24 1.99 28.46
CA LEU A 148 -1.14 2.93 28.40
C LEU A 148 -0.95 3.61 29.76
N MET A 149 -2.04 3.98 30.41
CA MET A 149 -1.93 4.63 31.70
C MET A 149 -1.27 3.66 32.69
N ALA A 150 -1.65 2.38 32.60
CA ALA A 150 -1.06 1.38 33.47
C ALA A 150 0.44 1.41 33.25
N ILE A 151 0.84 1.51 31.98
CA ILE A 151 2.25 1.55 31.61
C ILE A 151 2.98 2.83 32.05
N ILE A 152 2.27 3.96 32.11
CA ILE A 152 2.87 5.23 32.51
C ILE A 152 3.05 5.34 34.03
N ARG A 153 2.37 4.48 34.78
CA ARG A 153 2.45 4.50 36.24
C ARG A 153 3.28 3.37 36.84
N ALA B 18 21.39 -21.71 7.67
CA ALA B 18 20.91 -23.01 7.10
C ALA B 18 20.79 -22.92 5.58
N PRO B 19 20.08 -21.90 5.06
CA PRO B 19 19.94 -21.79 3.60
C PRO B 19 21.26 -21.34 3.00
N PRO B 20 21.71 -21.99 1.91
CA PRO B 20 22.96 -21.63 1.26
C PRO B 20 22.89 -20.29 0.52
N HIS B 21 21.68 -19.81 0.27
CA HIS B 21 21.50 -18.53 -0.42
C HIS B 21 20.66 -17.60 0.44
N ASP B 22 20.89 -16.30 0.32
CA ASP B 22 20.12 -15.37 1.11
C ASP B 22 18.90 -14.96 0.29
N ILE B 23 19.14 -14.71 -0.99
CA ILE B 23 18.11 -14.24 -1.88
C ILE B 23 18.15 -14.78 -3.30
N PHE B 24 16.99 -15.14 -3.83
CA PHE B 24 16.91 -15.57 -5.22
C PHE B 24 16.02 -14.51 -5.85
N ILE B 25 16.29 -14.14 -7.10
CA ILE B 25 15.52 -13.11 -7.79
C ILE B 25 14.66 -13.60 -8.97
N SER B 26 13.37 -13.81 -8.73
CA SER B 26 12.45 -14.26 -9.78
C SER B 26 12.23 -13.07 -10.73
N HIS B 27 12.30 -13.32 -12.04
CA HIS B 27 12.15 -12.25 -13.01
C HIS B 27 11.90 -12.81 -14.40
N ALA B 28 11.36 -11.96 -15.28
CA ALA B 28 11.10 -12.32 -16.67
C ALA B 28 12.44 -12.21 -17.41
N TRP B 29 12.76 -13.20 -18.23
CA TRP B 29 14.06 -13.20 -18.92
C TRP B 29 14.46 -11.85 -19.50
N GLU B 30 13.52 -11.14 -20.08
CA GLU B 30 13.79 -9.85 -20.67
C GLU B 30 14.42 -8.85 -19.69
N ASP B 31 14.17 -9.04 -18.40
CA ASP B 31 14.74 -8.12 -17.41
C ASP B 31 16.06 -8.56 -16.80
N LYS B 32 16.54 -9.76 -17.18
CA LYS B 32 17.81 -10.24 -16.64
C LYS B 32 18.97 -9.35 -17.04
N ALA B 33 19.14 -9.20 -18.35
CA ALA B 33 20.22 -8.39 -18.90
C ALA B 33 20.47 -7.09 -18.17
N ASP B 34 19.50 -6.18 -18.23
CA ASP B 34 19.63 -4.87 -17.62
C ASP B 34 19.43 -4.72 -16.11
N PHE B 35 18.20 -4.88 -15.64
CA PHE B 35 17.86 -4.69 -14.23
C PHE B 35 18.39 -5.69 -13.21
N VAL B 36 17.91 -6.93 -13.31
CA VAL B 36 18.29 -7.96 -12.37
C VAL B 36 19.79 -8.09 -12.16
N GLU B 37 20.57 -7.92 -13.22
CA GLU B 37 22.01 -8.02 -13.10
C GLU B 37 22.53 -6.86 -12.25
N ALA B 38 22.11 -5.64 -12.59
CA ALA B 38 22.52 -4.46 -11.84
C ALA B 38 22.18 -4.67 -10.37
N LEU B 39 20.95 -5.09 -10.13
CA LEU B 39 20.46 -5.34 -8.78
C LEU B 39 21.28 -6.42 -8.04
N ALA B 40 21.61 -7.50 -8.76
CA ALA B 40 22.37 -8.61 -8.18
C ALA B 40 23.76 -8.16 -7.76
N HIS B 41 24.40 -7.36 -8.62
CA HIS B 41 25.73 -6.85 -8.33
C HIS B 41 25.67 -6.00 -7.05
N THR B 42 24.78 -5.00 -7.06
CA THR B 42 24.59 -4.11 -5.92
C THR B 42 24.32 -4.85 -4.62
N LEU B 43 23.47 -5.87 -4.69
CA LEU B 43 23.15 -6.65 -3.50
C LEU B 43 24.37 -7.42 -2.98
N ARG B 44 25.11 -8.07 -3.88
CA ARG B 44 26.30 -8.82 -3.46
C ARG B 44 27.36 -7.89 -2.88
N ALA B 45 27.52 -6.73 -3.50
CA ALA B 45 28.48 -5.73 -3.04
C ALA B 45 28.12 -5.34 -1.62
N ALA B 46 26.84 -5.46 -1.27
CA ALA B 46 26.41 -5.10 0.08
C ALA B 46 26.48 -6.28 1.03
N GLY B 47 26.93 -7.42 0.53
CA GLY B 47 27.06 -8.57 1.40
C GLY B 47 26.02 -9.67 1.29
N ALA B 48 25.08 -9.55 0.36
CA ALA B 48 24.09 -10.60 0.22
C ALA B 48 24.59 -11.67 -0.72
N GLU B 49 24.17 -12.90 -0.47
CA GLU B 49 24.53 -14.04 -1.30
C GLU B 49 23.32 -14.16 -2.23
N VAL B 50 23.53 -13.89 -3.52
CA VAL B 50 22.44 -13.88 -4.48
C VAL B 50 22.56 -14.81 -5.69
N TRP B 51 21.47 -15.50 -6.02
CA TRP B 51 21.43 -16.34 -7.20
C TRP B 51 20.13 -16.00 -7.95
N TYR B 52 20.18 -16.09 -9.28
CA TYR B 52 19.03 -15.75 -10.11
C TYR B 52 19.16 -16.27 -11.54
N ASP B 53 20.33 -16.78 -11.91
CA ASP B 53 20.52 -17.25 -13.27
C ASP B 53 19.51 -18.31 -13.70
N ASP B 54 19.17 -19.24 -12.81
CA ASP B 54 18.21 -20.29 -13.13
C ASP B 54 16.82 -19.89 -12.66
N PHE B 55 16.54 -18.59 -12.74
CA PHE B 55 15.26 -18.09 -12.31
C PHE B 55 14.61 -17.14 -13.32
N SER B 56 15.13 -17.15 -14.55
CA SER B 56 14.57 -16.32 -15.61
C SER B 56 13.30 -17.04 -16.04
N LEU B 57 12.24 -16.29 -16.32
CA LEU B 57 11.00 -16.91 -16.72
C LEU B 57 10.59 -16.62 -18.17
N ARG B 58 9.90 -17.59 -18.76
CA ARG B 58 9.39 -17.52 -20.13
C ARG B 58 7.95 -18.01 -20.13
N PRO B 59 7.11 -17.51 -21.07
CA PRO B 59 5.71 -17.92 -21.14
C PRO B 59 5.60 -19.43 -21.02
N GLY B 60 4.71 -19.91 -20.16
CA GLY B 60 4.56 -21.33 -20.02
C GLY B 60 5.26 -21.88 -18.79
N ASP B 61 6.49 -21.43 -18.54
CA ASP B 61 7.24 -21.87 -17.38
C ASP B 61 6.34 -21.87 -16.16
N SER B 62 6.72 -22.66 -15.15
CA SER B 62 5.94 -22.74 -13.93
C SER B 62 6.46 -21.83 -12.83
N LEU B 63 5.88 -20.64 -12.70
CA LEU B 63 6.29 -19.72 -11.65
C LEU B 63 6.20 -20.52 -10.34
N ARG B 64 5.13 -21.32 -10.26
CA ARG B 64 4.88 -22.17 -9.10
C ARG B 64 6.14 -22.90 -8.62
N ARG B 65 6.62 -23.85 -9.43
CA ARG B 65 7.79 -24.65 -9.09
C ARG B 65 9.04 -23.82 -8.92
N SER B 66 9.19 -22.78 -9.73
CA SER B 66 10.36 -21.93 -9.64
C SER B 66 10.47 -21.31 -8.25
N ILE B 67 9.34 -20.88 -7.71
CA ILE B 67 9.29 -20.26 -6.39
C ILE B 67 9.64 -21.29 -5.31
N ASP B 68 9.07 -22.49 -5.42
CA ASP B 68 9.35 -23.55 -4.43
C ASP B 68 10.84 -23.80 -4.39
N LYS B 69 11.43 -24.00 -5.56
CA LYS B 69 12.86 -24.24 -5.69
C LYS B 69 13.63 -23.12 -5.00
N GLY B 70 13.39 -21.89 -5.44
CA GLY B 70 14.07 -20.74 -4.86
C GLY B 70 13.97 -20.66 -3.35
N LEU B 71 12.78 -20.96 -2.83
CA LEU B 71 12.56 -20.90 -1.40
C LEU B 71 13.14 -22.10 -0.67
N GLY B 72 13.44 -23.16 -1.42
CA GLY B 72 13.99 -24.36 -0.82
C GLY B 72 15.45 -24.23 -0.42
N SER B 73 16.16 -23.25 -0.98
CA SER B 73 17.58 -23.06 -0.69
C SER B 73 17.91 -21.61 -0.33
N SER B 74 16.91 -20.73 -0.35
CA SER B 74 17.14 -19.33 -0.03
C SER B 74 16.34 -18.91 1.17
N ARG B 75 16.75 -17.79 1.77
CA ARG B 75 16.07 -17.26 2.94
C ARG B 75 14.86 -16.44 2.49
N PHE B 76 15.10 -15.57 1.51
CA PHE B 76 14.03 -14.74 0.97
C PHE B 76 14.12 -14.77 -0.55
N GLY B 77 13.03 -14.37 -1.18
CA GLY B 77 13.00 -14.34 -2.63
C GLY B 77 12.51 -12.96 -3.00
N ILE B 78 12.90 -12.51 -4.19
CA ILE B 78 12.50 -11.21 -4.71
C ILE B 78 11.84 -11.50 -6.05
N VAL B 79 10.78 -10.77 -6.38
CA VAL B 79 10.15 -10.96 -7.67
C VAL B 79 10.07 -9.57 -8.32
N VAL B 80 10.63 -9.44 -9.51
CA VAL B 80 10.60 -8.16 -10.21
C VAL B 80 9.27 -8.05 -10.96
N LEU B 81 8.42 -7.13 -10.50
CA LEU B 81 7.13 -6.95 -11.14
C LEU B 81 7.20 -5.85 -12.19
N SER B 82 7.31 -6.26 -13.45
CA SER B 82 7.38 -5.32 -14.56
C SER B 82 6.41 -5.73 -15.67
N THR B 83 6.28 -4.88 -16.68
CA THR B 83 5.41 -5.17 -17.80
C THR B 83 5.79 -6.52 -18.39
N HIS B 84 7.09 -6.77 -18.53
CA HIS B 84 7.62 -8.03 -19.08
C HIS B 84 7.16 -9.24 -18.29
N PHE B 85 7.14 -9.11 -16.97
CA PHE B 85 6.71 -10.22 -16.14
C PHE B 85 5.20 -10.34 -16.24
N PHE B 86 4.53 -9.22 -16.51
CA PHE B 86 3.07 -9.25 -16.64
C PHE B 86 2.62 -9.86 -17.97
N LYS B 87 3.34 -9.54 -19.04
CA LYS B 87 2.98 -10.05 -20.35
C LYS B 87 3.23 -11.53 -20.53
N LYS B 88 3.55 -12.23 -19.45
CA LYS B 88 3.79 -13.68 -19.55
C LYS B 88 2.48 -14.46 -19.43
N GLU B 89 1.42 -13.78 -19.00
CA GLU B 89 0.11 -14.41 -18.84
C GLU B 89 0.10 -15.58 -17.87
N TRP B 90 0.41 -15.33 -16.61
CA TRP B 90 0.41 -16.42 -15.64
C TRP B 90 -1.02 -16.62 -15.18
N PRO B 91 -1.46 -17.89 -15.04
CA PRO B 91 -2.83 -18.18 -14.60
C PRO B 91 -2.89 -17.80 -13.12
N GLN B 92 -4.10 -17.57 -12.59
CA GLN B 92 -4.22 -17.20 -11.18
C GLN B 92 -3.55 -18.23 -10.26
N LYS B 93 -3.78 -19.51 -10.56
CA LYS B 93 -3.22 -20.59 -9.76
C LYS B 93 -1.68 -20.57 -9.76
N GLU B 94 -1.09 -19.83 -10.69
CA GLU B 94 0.36 -19.77 -10.78
C GLU B 94 0.89 -18.62 -9.92
N LEU B 95 0.03 -17.63 -9.66
CA LEU B 95 0.39 -16.49 -8.86
C LEU B 95 0.23 -16.74 -7.36
N ASP B 96 -0.75 -17.56 -7.00
CA ASP B 96 -1.06 -17.87 -5.60
C ASP B 96 0.10 -18.13 -4.63
N GLY B 97 1.14 -18.82 -5.07
CA GLY B 97 2.24 -19.08 -4.17
C GLY B 97 3.06 -17.84 -3.84
N LEU B 98 3.03 -16.87 -4.75
CA LEU B 98 3.76 -15.63 -4.62
C LEU B 98 3.31 -14.72 -3.48
N PHE B 99 2.33 -15.16 -2.70
CA PHE B 99 1.82 -14.33 -1.61
C PHE B 99 2.09 -14.92 -0.24
N GLN B 100 2.24 -16.23 -0.18
CA GLN B 100 2.47 -16.94 1.07
C GLN B 100 3.14 -16.10 2.16
N LEU B 101 2.57 -16.17 3.36
CA LEU B 101 3.09 -15.43 4.50
C LEU B 101 3.63 -16.38 5.57
N GLU B 102 4.58 -15.90 6.37
CA GLU B 102 5.16 -16.71 7.43
C GLU B 102 4.57 -16.29 8.77
N SER B 103 4.85 -17.09 9.79
CA SER B 103 4.36 -16.83 11.14
C SER B 103 4.60 -15.39 11.58
N SER B 104 5.78 -14.84 11.26
CA SER B 104 6.12 -13.47 11.62
C SER B 104 5.17 -12.46 11.00
N GLY B 105 4.32 -12.92 10.09
CA GLY B 105 3.38 -12.04 9.44
C GLY B 105 4.02 -11.50 8.18
N ARG B 106 5.33 -11.71 8.07
CA ARG B 106 6.08 -11.25 6.92
C ARG B 106 6.09 -12.32 5.83
N SER B 107 6.32 -11.88 4.59
CA SER B 107 6.37 -12.80 3.46
C SER B 107 7.81 -13.08 3.11
N ARG B 108 8.07 -14.25 2.53
CA ARG B 108 9.43 -14.60 2.15
C ARG B 108 9.67 -14.17 0.71
N ILE B 109 8.65 -13.60 0.10
CA ILE B 109 8.77 -13.12 -1.28
C ILE B 109 8.52 -11.62 -1.31
N LEU B 110 9.58 -10.87 -1.58
CA LEU B 110 9.51 -9.42 -1.64
C LEU B 110 9.39 -8.98 -3.08
N PRO B 111 8.30 -8.27 -3.39
CA PRO B 111 8.10 -7.79 -4.76
C PRO B 111 8.73 -6.40 -4.96
N ILE B 112 9.15 -6.13 -6.19
CA ILE B 112 9.74 -4.84 -6.50
C ILE B 112 9.09 -4.36 -7.79
N TRP B 113 8.28 -3.30 -7.70
CA TRP B 113 7.62 -2.74 -8.87
C TRP B 113 8.68 -2.03 -9.69
N HIS B 114 8.67 -2.26 -11.00
CA HIS B 114 9.65 -1.67 -11.88
C HIS B 114 9.06 -1.13 -13.19
N LYS B 115 9.07 0.20 -13.31
CA LYS B 115 8.56 0.89 -14.48
C LYS B 115 7.13 0.50 -14.83
N VAL B 116 6.33 0.23 -13.81
CA VAL B 116 4.92 -0.14 -14.00
C VAL B 116 3.98 0.83 -13.28
N SER B 117 2.78 0.99 -13.83
CA SER B 117 1.77 1.85 -13.21
C SER B 117 0.91 0.96 -12.32
N LYS B 118 0.29 1.55 -11.32
CA LYS B 118 -0.57 0.84 -10.37
C LYS B 118 -1.76 0.22 -11.11
N ASP B 119 -2.35 0.96 -12.04
CA ASP B 119 -3.50 0.46 -12.81
C ASP B 119 -3.03 -0.75 -13.58
N GLU B 120 -1.80 -0.67 -14.06
CA GLU B 120 -1.19 -1.75 -14.82
C GLU B 120 -1.08 -2.98 -13.91
N VAL B 121 -0.63 -2.74 -12.69
CA VAL B 121 -0.48 -3.82 -11.72
C VAL B 121 -1.86 -4.43 -11.46
N ALA B 122 -2.83 -3.60 -11.08
CA ALA B 122 -4.18 -4.10 -10.84
C ALA B 122 -4.70 -4.96 -11.98
N SER B 123 -4.40 -4.57 -13.22
CA SER B 123 -4.84 -5.33 -14.40
C SER B 123 -4.28 -6.75 -14.37
N PHE B 124 -3.05 -6.88 -13.91
CA PHE B 124 -2.41 -8.17 -13.85
C PHE B 124 -2.94 -8.95 -12.64
N SER B 125 -2.97 -8.31 -11.48
CA SER B 125 -3.42 -8.95 -10.25
C SER B 125 -3.90 -7.92 -9.22
N PRO B 126 -5.22 -7.85 -9.00
CA PRO B 126 -5.82 -6.92 -8.03
C PRO B 126 -5.19 -6.99 -6.64
N THR B 127 -5.05 -8.20 -6.11
CA THR B 127 -4.47 -8.37 -4.78
C THR B 127 -3.06 -7.79 -4.70
N MET B 128 -2.27 -8.01 -5.75
CA MET B 128 -0.90 -7.53 -5.81
C MET B 128 -0.81 -6.00 -5.84
N ALA B 129 -1.82 -5.37 -6.42
CA ALA B 129 -1.84 -3.93 -6.55
C ALA B 129 -2.09 -3.20 -5.23
N ASP B 130 -2.52 -3.96 -4.22
CA ASP B 130 -2.80 -3.39 -2.91
C ASP B 130 -1.79 -3.83 -1.86
N LYS B 131 -0.85 -4.68 -2.25
CA LYS B 131 0.17 -5.15 -1.30
C LYS B 131 1.35 -4.17 -1.34
N LEU B 132 1.69 -3.58 -0.21
CA LEU B 132 2.78 -2.63 -0.18
C LEU B 132 4.06 -3.33 -0.63
N ALA B 133 4.82 -2.65 -1.48
CA ALA B 133 6.04 -3.24 -1.99
C ALA B 133 7.16 -2.23 -2.22
N PHE B 134 8.31 -2.70 -2.68
CA PHE B 134 9.42 -1.81 -2.99
C PHE B 134 9.14 -1.35 -4.41
N ASN B 135 9.50 -0.11 -4.70
CA ASN B 135 9.23 0.52 -5.99
C ASN B 135 10.48 1.28 -6.49
N THR B 136 11.06 0.87 -7.61
CA THR B 136 12.25 1.57 -8.12
C THR B 136 11.90 2.98 -8.60
N SER B 137 10.62 3.32 -8.56
CA SER B 137 10.16 4.62 -9.00
C SER B 137 10.17 5.58 -7.81
N THR B 138 10.29 5.01 -6.61
CA THR B 138 10.30 5.82 -5.39
C THR B 138 11.58 5.66 -4.58
N LYS B 139 12.40 4.69 -4.97
CA LYS B 139 13.67 4.47 -4.30
C LYS B 139 14.69 4.03 -5.33
N SER B 140 15.94 4.44 -5.13
CA SER B 140 17.00 4.03 -6.04
C SER B 140 17.30 2.57 -5.74
N VAL B 141 18.07 1.90 -6.58
CA VAL B 141 18.39 0.51 -6.30
C VAL B 141 19.17 0.41 -4.99
N ASP B 142 19.99 1.42 -4.71
CA ASP B 142 20.78 1.41 -3.48
C ASP B 142 19.88 1.46 -2.24
N GLU B 143 18.92 2.36 -2.26
CA GLU B 143 18.01 2.48 -1.13
C GLU B 143 17.28 1.17 -0.95
N ILE B 144 16.79 0.59 -2.04
CA ILE B 144 16.09 -0.68 -1.97
C ILE B 144 17.03 -1.77 -1.42
N VAL B 145 18.28 -1.76 -1.87
CA VAL B 145 19.25 -2.74 -1.40
C VAL B 145 19.50 -2.57 0.10
N ALA B 146 19.52 -1.32 0.58
CA ALA B 146 19.72 -1.10 2.02
C ALA B 146 18.54 -1.74 2.77
N ASP B 147 17.32 -1.57 2.26
CA ASP B 147 16.15 -2.16 2.90
C ASP B 147 16.24 -3.69 2.90
N LEU B 148 16.68 -4.27 1.78
CA LEU B 148 16.80 -5.71 1.67
C LEU B 148 17.85 -6.28 2.62
N MET B 149 18.96 -5.57 2.79
CA MET B 149 20.00 -6.00 3.70
C MET B 149 19.47 -5.92 5.12
N ALA B 150 18.65 -4.91 5.37
CA ALA B 150 18.06 -4.73 6.70
C ALA B 150 17.16 -5.92 6.99
N ILE B 151 16.40 -6.34 5.99
CA ILE B 151 15.48 -7.47 6.11
C ILE B 151 16.23 -8.78 6.24
N ILE B 152 17.38 -8.88 5.58
CA ILE B 152 18.18 -10.10 5.66
C ILE B 152 18.74 -10.24 7.08
N ARG B 153 19.23 -9.13 7.64
CA ARG B 153 19.83 -9.11 8.97
C ARG B 153 18.86 -9.05 10.16
N ASP B 154 18.14 -7.94 10.28
CA ASP B 154 17.20 -7.75 11.39
C ASP B 154 16.18 -8.88 11.50
N PRO C 20 -25.63 -28.16 -0.94
CA PRO C 20 -25.99 -27.00 -1.77
C PRO C 20 -24.79 -26.08 -2.00
N HIS C 21 -24.49 -25.26 -1.01
CA HIS C 21 -23.36 -24.33 -1.06
C HIS C 21 -22.77 -24.30 0.33
N ASP C 22 -21.44 -24.26 0.44
CA ASP C 22 -20.85 -24.21 1.76
C ASP C 22 -20.97 -22.80 2.31
N ILE C 23 -20.33 -21.86 1.61
CA ILE C 23 -20.30 -20.47 2.03
C ILE C 23 -20.79 -19.49 0.95
N PHE C 24 -21.45 -18.41 1.39
CA PHE C 24 -21.87 -17.36 0.50
C PHE C 24 -21.27 -16.12 1.17
N ILE C 25 -20.73 -15.19 0.38
CA ILE C 25 -20.07 -14.01 0.94
C ILE C 25 -20.88 -12.72 0.86
N SER C 26 -21.39 -12.27 2.00
CA SER C 26 -22.18 -11.05 2.09
C SER C 26 -21.18 -9.90 2.17
N HIS C 27 -21.32 -8.92 1.28
CA HIS C 27 -20.38 -7.79 1.24
C HIS C 27 -20.87 -6.56 0.46
N ALA C 28 -20.21 -5.43 0.72
CA ALA C 28 -20.52 -4.17 0.04
C ALA C 28 -19.88 -4.31 -1.35
N TRP C 29 -20.59 -3.86 -2.39
CA TRP C 29 -20.09 -4.00 -3.74
C TRP C 29 -18.67 -3.49 -3.95
N GLU C 30 -18.30 -2.44 -3.22
CA GLU C 30 -16.95 -1.89 -3.35
C GLU C 30 -15.84 -2.87 -2.94
N ASP C 31 -16.16 -3.88 -2.14
CA ASP C 31 -15.14 -4.82 -1.70
C ASP C 31 -15.03 -6.11 -2.53
N LYS C 32 -15.87 -6.25 -3.55
CA LYS C 32 -15.83 -7.46 -4.37
C LYS C 32 -14.51 -7.67 -5.11
N ALA C 33 -14.18 -6.70 -5.94
CA ALA C 33 -12.98 -6.76 -6.76
C ALA C 33 -11.67 -6.89 -5.98
N ASP C 34 -11.46 -6.03 -4.98
CA ASP C 34 -10.23 -6.04 -4.22
C ASP C 34 -10.21 -6.85 -2.94
N PHE C 35 -11.19 -7.73 -2.72
CA PHE C 35 -11.14 -8.54 -1.50
C PHE C 35 -11.91 -9.85 -1.53
N VAL C 36 -13.23 -9.78 -1.68
CA VAL C 36 -13.98 -11.03 -1.67
C VAL C 36 -13.66 -11.93 -2.86
N GLU C 37 -13.32 -11.37 -4.01
CA GLU C 37 -12.99 -12.23 -5.15
C GLU C 37 -11.81 -13.13 -4.75
N ALA C 38 -10.76 -12.53 -4.19
CA ALA C 38 -9.58 -13.28 -3.78
C ALA C 38 -9.88 -14.24 -2.63
N LEU C 39 -10.75 -13.82 -1.72
CA LEU C 39 -11.13 -14.65 -0.59
C LEU C 39 -11.85 -15.91 -1.06
N ALA C 40 -12.80 -15.75 -1.97
CA ALA C 40 -13.56 -16.88 -2.50
C ALA C 40 -12.65 -17.84 -3.23
N HIS C 41 -11.63 -17.30 -3.90
CA HIS C 41 -10.67 -18.13 -4.62
C HIS C 41 -9.81 -18.98 -3.67
N THR C 42 -9.40 -18.39 -2.55
CA THR C 42 -8.59 -19.11 -1.56
C THR C 42 -9.41 -20.16 -0.84
N LEU C 43 -10.70 -19.91 -0.67
CA LEU C 43 -11.60 -20.87 -0.03
C LEU C 43 -11.83 -22.05 -0.96
N ARG C 44 -12.08 -21.76 -2.23
CA ARG C 44 -12.32 -22.81 -3.21
C ARG C 44 -11.12 -23.70 -3.41
N ALA C 45 -9.93 -23.11 -3.27
CA ALA C 45 -8.68 -23.86 -3.41
C ALA C 45 -8.51 -24.75 -2.17
N ALA C 46 -9.20 -24.40 -1.09
CA ALA C 46 -9.14 -25.19 0.14
C ALA C 46 -10.24 -26.25 0.06
N GLY C 47 -10.93 -26.26 -1.07
CA GLY C 47 -11.99 -27.22 -1.29
C GLY C 47 -13.27 -26.83 -0.58
N ALA C 48 -13.92 -25.77 -1.06
CA ALA C 48 -15.17 -25.31 -0.47
C ALA C 48 -16.04 -24.69 -1.56
N GLU C 49 -17.32 -25.05 -1.59
CA GLU C 49 -18.20 -24.48 -2.58
C GLU C 49 -18.55 -23.10 -2.06
N VAL C 50 -18.29 -22.07 -2.86
CA VAL C 50 -18.52 -20.70 -2.45
C VAL C 50 -19.07 -19.86 -3.58
N TRP C 51 -20.03 -18.99 -3.28
CA TRP C 51 -20.56 -18.10 -4.29
C TRP C 51 -20.80 -16.75 -3.63
N TYR C 52 -20.81 -15.69 -4.41
CA TYR C 52 -20.96 -14.36 -3.82
C TYR C 52 -21.48 -13.29 -4.75
N ASP C 53 -21.46 -13.54 -6.06
CA ASP C 53 -21.94 -12.54 -7.02
C ASP C 53 -23.35 -12.03 -6.71
N ASP C 54 -24.18 -12.89 -6.15
CA ASP C 54 -25.55 -12.51 -5.84
C ASP C 54 -25.70 -11.85 -4.49
N PHE C 55 -24.58 -11.55 -3.84
CA PHE C 55 -24.64 -10.92 -2.53
C PHE C 55 -23.84 -9.62 -2.41
N SER C 56 -23.74 -8.89 -3.52
CA SER C 56 -23.05 -7.60 -3.54
C SER C 56 -24.08 -6.54 -3.18
N LEU C 57 -23.94 -5.98 -1.98
CA LEU C 57 -24.88 -4.97 -1.51
C LEU C 57 -24.60 -3.54 -1.96
N ARG C 58 -25.65 -2.85 -2.38
CA ARG C 58 -25.60 -1.47 -2.80
C ARG C 58 -26.63 -0.73 -1.96
N PRO C 59 -26.47 0.60 -1.79
CA PRO C 59 -27.47 1.31 -0.98
C PRO C 59 -28.86 1.07 -1.57
N GLY C 60 -29.85 0.85 -0.70
CA GLY C 60 -31.17 0.59 -1.18
C GLY C 60 -31.48 -0.89 -1.00
N ASP C 61 -30.48 -1.74 -1.20
CA ASP C 61 -30.66 -3.17 -1.04
C ASP C 61 -31.11 -3.42 0.39
N SER C 62 -31.53 -4.66 0.66
CA SER C 62 -31.96 -5.08 1.98
C SER C 62 -30.98 -6.08 2.54
N LEU C 63 -30.36 -5.75 3.66
CA LEU C 63 -29.41 -6.67 4.29
C LEU C 63 -30.16 -7.88 4.81
N ARG C 64 -31.32 -7.64 5.41
CA ARG C 64 -32.14 -8.72 5.96
C ARG C 64 -32.45 -9.77 4.90
N ARG C 65 -32.98 -9.33 3.76
CA ARG C 65 -33.31 -10.27 2.70
C ARG C 65 -32.08 -11.05 2.22
N SER C 66 -31.09 -10.34 1.69
CA SER C 66 -29.87 -10.97 1.21
C SER C 66 -29.41 -12.13 2.08
N ILE C 67 -29.19 -11.84 3.37
CA ILE C 67 -28.75 -12.86 4.34
C ILE C 67 -29.65 -14.09 4.41
N ASP C 68 -30.96 -13.88 4.42
CA ASP C 68 -31.91 -14.99 4.49
C ASP C 68 -31.84 -15.84 3.22
N LYS C 69 -31.76 -15.16 2.09
CA LYS C 69 -31.67 -15.82 0.80
C LYS C 69 -30.47 -16.77 0.75
N GLY C 70 -29.32 -16.26 1.19
CA GLY C 70 -28.10 -17.05 1.19
C GLY C 70 -28.13 -18.19 2.18
N LEU C 71 -28.67 -17.92 3.37
CA LEU C 71 -28.77 -18.93 4.42
C LEU C 71 -29.76 -20.01 3.99
N GLY C 72 -30.59 -19.67 3.00
CA GLY C 72 -31.56 -20.61 2.50
C GLY C 72 -30.96 -21.61 1.51
N SER C 73 -29.81 -21.28 0.94
CA SER C 73 -29.19 -22.19 -0.02
C SER C 73 -27.70 -22.43 0.29
N SER C 74 -27.27 -21.97 1.45
CA SER C 74 -25.87 -22.13 1.85
C SER C 74 -25.77 -22.57 3.31
N ARG C 75 -24.76 -23.36 3.61
CA ARG C 75 -24.57 -23.86 4.97
C ARG C 75 -24.17 -22.74 5.91
N PHE C 76 -23.23 -21.91 5.44
CA PHE C 76 -22.75 -20.78 6.25
C PHE C 76 -22.70 -19.50 5.43
N GLY C 77 -22.49 -18.39 6.11
CA GLY C 77 -22.41 -17.13 5.43
C GLY C 77 -21.29 -16.28 6.00
N ILE C 78 -20.60 -15.54 5.15
CA ILE C 78 -19.54 -14.68 5.64
C ILE C 78 -20.01 -13.26 5.43
N VAL C 79 -19.77 -12.40 6.42
CA VAL C 79 -20.13 -11.00 6.28
C VAL C 79 -18.84 -10.22 6.40
N VAL C 80 -18.50 -9.45 5.36
CA VAL C 80 -17.28 -8.67 5.37
C VAL C 80 -17.58 -7.30 5.95
N LEU C 81 -17.22 -7.09 7.22
CA LEU C 81 -17.44 -5.83 7.89
C LEU C 81 -16.33 -4.85 7.62
N SER C 82 -16.57 -3.94 6.67
CA SER C 82 -15.59 -2.94 6.27
C SER C 82 -16.18 -1.54 6.29
N THR C 83 -15.33 -0.55 6.06
CA THR C 83 -15.80 0.83 6.04
C THR C 83 -16.97 0.91 5.06
N HIS C 84 -16.72 0.44 3.85
CA HIS C 84 -17.74 0.46 2.80
C HIS C 84 -19.02 -0.26 3.21
N PHE C 85 -18.90 -1.32 4.01
CA PHE C 85 -20.11 -2.01 4.44
C PHE C 85 -20.98 -1.08 5.29
N PHE C 86 -20.36 -0.42 6.27
CA PHE C 86 -21.07 0.48 7.18
C PHE C 86 -21.50 1.81 6.57
N LYS C 87 -20.95 2.17 5.42
CA LYS C 87 -21.32 3.43 4.78
C LYS C 87 -22.61 3.23 4.03
N LYS C 88 -23.12 2.01 4.10
CA LYS C 88 -24.39 1.66 3.46
C LYS C 88 -25.54 2.10 4.37
N GLU C 89 -25.23 2.30 5.65
CA GLU C 89 -26.21 2.74 6.63
C GLU C 89 -27.37 1.77 6.78
N TRP C 90 -27.12 0.64 7.42
CA TRP C 90 -28.14 -0.38 7.64
C TRP C 90 -28.92 -0.07 8.92
N PRO C 91 -30.20 -0.50 8.99
CA PRO C 91 -30.96 -0.22 10.21
C PRO C 91 -30.29 -1.00 11.34
N GLN C 92 -29.97 -0.34 12.44
CA GLN C 92 -29.28 -0.98 13.56
C GLN C 92 -29.87 -2.31 14.01
N LYS C 93 -31.20 -2.42 14.03
CA LYS C 93 -31.84 -3.66 14.44
C LYS C 93 -31.30 -4.79 13.55
N GLU C 94 -31.30 -4.54 12.26
CA GLU C 94 -30.82 -5.50 11.27
C GLU C 94 -29.36 -5.84 11.52
N LEU C 95 -28.56 -4.83 11.83
CA LEU C 95 -27.13 -5.04 12.10
C LEU C 95 -26.91 -5.95 13.30
N ASP C 96 -27.13 -5.43 14.50
CA ASP C 96 -26.93 -6.22 15.71
C ASP C 96 -27.78 -7.47 15.74
N GLY C 97 -28.82 -7.49 14.92
CA GLY C 97 -29.68 -8.66 14.87
C GLY C 97 -29.20 -9.60 13.79
N LEU C 98 -27.98 -9.38 13.30
CA LEU C 98 -27.41 -10.20 12.24
C LEU C 98 -26.76 -11.48 12.76
N PHE C 99 -26.51 -11.50 14.07
CA PHE C 99 -25.88 -12.66 14.72
C PHE C 99 -26.86 -13.27 15.71
N SER C 107 -22.87 -19.12 15.40
CA SER C 107 -24.04 -19.54 14.64
C SER C 107 -23.65 -19.96 13.22
N ARG C 108 -24.35 -19.41 12.23
CA ARG C 108 -24.09 -19.73 10.84
C ARG C 108 -23.58 -18.53 10.05
N ILE C 109 -23.50 -17.37 10.70
CA ILE C 109 -22.99 -16.17 10.06
C ILE C 109 -21.60 -15.85 10.60
N LEU C 110 -20.58 -16.07 9.77
CA LEU C 110 -19.19 -15.82 10.15
C LEU C 110 -18.69 -14.44 9.70
N PRO C 111 -18.47 -13.52 10.66
CA PRO C 111 -17.99 -12.15 10.43
C PRO C 111 -16.47 -12.03 10.27
N ILE C 112 -16.04 -11.13 9.39
CA ILE C 112 -14.62 -10.82 9.14
C ILE C 112 -14.45 -9.30 9.15
N TRP C 113 -13.62 -8.81 10.06
CA TRP C 113 -13.34 -7.37 10.17
C TRP C 113 -12.23 -6.99 9.20
N HIS C 114 -12.54 -6.08 8.27
CA HIS C 114 -11.56 -5.68 7.28
C HIS C 114 -11.21 -4.20 7.36
N LYS C 115 -10.00 -3.96 7.83
CA LYS C 115 -9.47 -2.63 7.96
C LYS C 115 -10.42 -1.65 8.67
N VAL C 116 -10.97 -2.11 9.79
CA VAL C 116 -11.86 -1.29 10.61
C VAL C 116 -11.43 -1.37 12.07
N SER C 117 -11.75 -0.34 12.87
CA SER C 117 -11.39 -0.32 14.27
C SER C 117 -12.60 -0.74 15.12
N LYS C 118 -12.37 -1.13 16.37
CA LYS C 118 -13.47 -1.54 17.24
C LYS C 118 -14.37 -0.34 17.55
N ASP C 119 -13.79 0.86 17.61
CA ASP C 119 -14.56 2.06 17.87
C ASP C 119 -15.41 2.35 16.64
N GLU C 120 -14.91 1.98 15.46
CA GLU C 120 -15.63 2.22 14.22
C GLU C 120 -16.88 1.34 14.16
N VAL C 121 -16.70 0.05 14.42
CA VAL C 121 -17.82 -0.86 14.41
C VAL C 121 -18.83 -0.42 15.47
N ALA C 122 -18.33 -0.23 16.68
CA ALA C 122 -19.19 0.18 17.80
C ALA C 122 -20.12 1.32 17.46
N SER C 123 -19.59 2.34 16.78
CA SER C 123 -20.38 3.51 16.42
C SER C 123 -21.61 3.16 15.56
N PHE C 124 -21.64 1.96 15.01
CA PHE C 124 -22.76 1.51 14.21
C PHE C 124 -23.53 0.46 14.99
N SER C 125 -22.81 -0.31 15.81
CA SER C 125 -23.43 -1.37 16.59
C SER C 125 -22.52 -1.87 17.71
N PRO C 126 -22.73 -1.39 18.94
CA PRO C 126 -21.90 -1.81 20.06
C PRO C 126 -22.00 -3.32 20.23
N THR C 127 -23.14 -3.89 19.86
CA THR C 127 -23.34 -5.34 19.96
C THR C 127 -22.37 -6.05 19.02
N MET C 128 -22.40 -5.63 17.76
CA MET C 128 -21.56 -6.20 16.72
C MET C 128 -20.08 -5.91 16.99
N ALA C 129 -19.81 -4.88 17.79
CA ALA C 129 -18.45 -4.50 18.13
C ALA C 129 -17.84 -5.38 19.24
N ASP C 130 -18.67 -6.02 20.04
CA ASP C 130 -18.14 -6.85 21.11
C ASP C 130 -18.13 -8.35 20.81
N LYS C 131 -18.82 -8.77 19.75
CA LYS C 131 -18.86 -10.19 19.42
C LYS C 131 -17.62 -10.63 18.67
N LEU C 132 -17.01 -11.72 19.14
CA LEU C 132 -15.79 -12.26 18.53
C LEU C 132 -15.99 -12.61 17.06
N ALA C 133 -14.98 -12.28 16.25
CA ALA C 133 -15.03 -12.53 14.83
C ALA C 133 -13.65 -12.56 14.21
N PHE C 134 -13.56 -13.08 13.00
CA PHE C 134 -12.29 -13.13 12.28
C PHE C 134 -11.93 -11.69 12.01
N ASN C 135 -10.66 -11.43 11.76
CA ASN C 135 -10.20 -10.07 11.52
C ASN C 135 -8.93 -10.15 10.70
N THR C 136 -8.90 -9.51 9.54
CA THR C 136 -7.72 -9.58 8.68
C THR C 136 -6.52 -8.78 9.18
N SER C 137 -6.64 -8.21 10.38
CA SER C 137 -5.52 -7.45 10.93
C SER C 137 -4.61 -8.37 11.76
N THR C 138 -5.24 -9.29 12.48
CA THR C 138 -4.54 -10.23 13.34
C THR C 138 -4.33 -11.58 12.68
N LYS C 139 -4.79 -11.71 11.44
CA LYS C 139 -4.64 -12.97 10.70
C LYS C 139 -4.62 -12.73 9.20
N SER C 140 -3.87 -13.57 8.49
CA SER C 140 -3.79 -13.47 7.05
C SER C 140 -5.02 -14.19 6.50
N VAL C 141 -5.37 -13.89 5.25
CA VAL C 141 -6.51 -14.53 4.61
C VAL C 141 -6.34 -16.05 4.69
N ASP C 142 -5.16 -16.54 4.31
CA ASP C 142 -4.88 -17.97 4.35
C ASP C 142 -5.13 -18.53 5.75
N GLU C 143 -4.81 -17.77 6.78
CA GLU C 143 -5.06 -18.22 8.15
C GLU C 143 -6.56 -18.27 8.42
N ILE C 144 -7.28 -17.21 8.05
CA ILE C 144 -8.73 -17.15 8.25
C ILE C 144 -9.41 -18.30 7.49
N VAL C 145 -8.92 -18.59 6.29
CA VAL C 145 -9.47 -19.65 5.48
C VAL C 145 -9.23 -21.01 6.12
N ALA C 146 -8.02 -21.21 6.64
CA ALA C 146 -7.69 -22.47 7.29
C ALA C 146 -8.72 -22.75 8.39
N ASP C 147 -8.96 -21.75 9.24
CA ASP C 147 -9.92 -21.87 10.32
C ASP C 147 -11.34 -22.13 9.79
N LEU C 148 -11.70 -21.40 8.74
CA LEU C 148 -13.00 -21.53 8.11
C LEU C 148 -13.27 -22.96 7.63
N MET C 149 -12.24 -23.59 7.05
CA MET C 149 -12.39 -24.94 6.57
C MET C 149 -12.61 -25.88 7.75
N ALA C 150 -11.99 -25.55 8.88
CA ALA C 150 -12.13 -26.33 10.11
C ALA C 150 -13.59 -26.26 10.59
N ILE C 151 -14.20 -25.09 10.42
CA ILE C 151 -15.58 -24.89 10.82
C ILE C 151 -16.52 -25.67 9.90
N ILE C 152 -16.35 -25.52 8.60
CA ILE C 152 -17.19 -26.23 7.64
C ILE C 152 -17.16 -27.72 7.93
N ARG C 153 -16.03 -28.35 7.67
CA ARG C 153 -15.85 -29.79 7.88
C ARG C 153 -16.16 -30.22 9.31
N PRO D 19 -7.46 32.58 -17.49
CA PRO D 19 -6.88 32.24 -18.81
C PRO D 19 -7.77 31.24 -19.55
N PRO D 20 -7.61 31.14 -20.88
CA PRO D 20 -8.39 30.22 -21.70
C PRO D 20 -8.52 28.79 -21.15
N HIS D 21 -7.40 28.22 -20.70
CA HIS D 21 -7.41 26.85 -20.18
C HIS D 21 -6.83 26.69 -18.77
N ASP D 22 -7.32 25.66 -18.08
CA ASP D 22 -6.88 25.34 -16.72
C ASP D 22 -5.53 24.67 -16.76
N ILE D 23 -5.45 23.58 -17.52
CA ILE D 23 -4.24 22.78 -17.65
C ILE D 23 -3.89 22.45 -19.10
N PHE D 24 -2.60 22.48 -19.41
CA PHE D 24 -2.14 22.07 -20.73
C PHE D 24 -1.26 20.87 -20.39
N ILE D 25 -1.03 19.97 -21.34
CA ILE D 25 -0.22 18.80 -21.04
C ILE D 25 1.05 18.62 -21.88
N SER D 26 2.20 18.90 -21.28
CA SER D 26 3.47 18.75 -21.98
C SER D 26 3.81 17.25 -22.00
N HIS D 27 4.14 16.72 -23.18
CA HIS D 27 4.46 15.28 -23.28
C HIS D 27 5.16 14.89 -24.59
N ALA D 28 5.98 13.85 -24.53
CA ALA D 28 6.64 13.37 -25.73
C ALA D 28 5.53 12.77 -26.59
N TRP D 29 5.62 12.93 -27.90
CA TRP D 29 4.56 12.43 -28.77
C TRP D 29 4.15 10.96 -28.53
N GLU D 30 5.11 10.08 -28.30
CA GLU D 30 4.78 8.66 -28.10
C GLU D 30 3.76 8.35 -27.00
N ASP D 31 3.61 9.25 -26.02
CA ASP D 31 2.66 9.02 -24.95
C ASP D 31 1.27 9.65 -25.19
N LYS D 32 1.12 10.34 -26.31
CA LYS D 32 -0.16 10.99 -26.59
C LYS D 32 -1.32 10.02 -26.88
N ALA D 33 -1.06 9.01 -27.71
CA ALA D 33 -2.11 8.05 -28.06
C ALA D 33 -2.82 7.38 -26.89
N ASP D 34 -2.07 6.96 -25.89
CA ASP D 34 -2.68 6.29 -24.74
C ASP D 34 -2.81 7.11 -23.47
N PHE D 35 -1.74 7.18 -22.69
CA PHE D 35 -1.76 7.90 -21.43
C PHE D 35 -2.36 9.30 -21.51
N VAL D 36 -1.75 10.18 -22.30
CA VAL D 36 -2.24 11.55 -22.39
C VAL D 36 -3.74 11.67 -22.61
N GLU D 37 -4.24 11.18 -23.75
CA GLU D 37 -5.67 11.28 -24.00
C GLU D 37 -6.55 10.66 -22.91
N ALA D 38 -6.10 9.59 -22.28
CA ALA D 38 -6.91 9.03 -21.20
C ALA D 38 -6.91 10.11 -20.12
N LEU D 39 -5.70 10.52 -19.71
CA LEU D 39 -5.52 11.54 -18.68
C LEU D 39 -6.34 12.79 -18.95
N ALA D 40 -6.28 13.29 -20.18
CA ALA D 40 -7.02 14.50 -20.54
C ALA D 40 -8.53 14.30 -20.43
N HIS D 41 -9.03 13.18 -20.95
CA HIS D 41 -10.46 12.90 -20.88
C HIS D 41 -10.89 12.67 -19.43
N THR D 42 -10.05 11.98 -18.66
CA THR D 42 -10.36 11.73 -17.26
C THR D 42 -10.46 13.08 -16.55
N LEU D 43 -9.62 14.03 -16.94
CA LEU D 43 -9.61 15.36 -16.34
C LEU D 43 -10.85 16.16 -16.73
N ARG D 44 -11.34 15.93 -17.93
CA ARG D 44 -12.53 16.65 -18.39
C ARG D 44 -13.81 16.13 -17.71
N ALA D 45 -13.89 14.81 -17.51
CA ALA D 45 -15.05 14.22 -16.85
C ALA D 45 -15.09 14.64 -15.38
N ALA D 46 -14.13 15.49 -15.01
CA ALA D 46 -14.04 16.01 -13.63
C ALA D 46 -14.25 17.52 -13.66
N GLY D 47 -14.50 18.04 -14.86
CA GLY D 47 -14.77 19.47 -15.01
C GLY D 47 -13.61 20.41 -15.29
N ALA D 48 -12.45 19.89 -15.66
CA ALA D 48 -11.33 20.78 -15.93
C ALA D 48 -11.22 21.15 -17.42
N GLU D 49 -10.68 22.34 -17.68
CA GLU D 49 -10.47 22.82 -19.04
C GLU D 49 -9.06 22.40 -19.45
N VAL D 50 -8.95 21.45 -20.38
CA VAL D 50 -7.65 20.94 -20.82
C VAL D 50 -7.48 20.95 -22.33
N TRP D 51 -6.24 21.13 -22.78
CA TRP D 51 -5.91 21.09 -24.21
C TRP D 51 -4.49 20.53 -24.29
N TYR D 52 -4.15 19.84 -25.39
CA TYR D 52 -2.83 19.22 -25.49
C TYR D 52 -2.26 18.98 -26.90
N ASP D 53 -3.06 19.17 -27.95
CA ASP D 53 -2.58 18.94 -29.31
C ASP D 53 -1.30 19.72 -29.67
N ASP D 54 -1.15 20.92 -29.12
CA ASP D 54 0.03 21.73 -29.41
C ASP D 54 1.20 21.48 -28.47
N PHE D 55 1.14 20.42 -27.67
CA PHE D 55 2.22 20.17 -26.72
C PHE D 55 2.92 18.82 -26.78
N SER D 56 2.77 18.10 -27.90
CA SER D 56 3.45 16.83 -28.06
C SER D 56 4.88 17.21 -28.41
N LEU D 57 5.84 16.66 -27.69
CA LEU D 57 7.23 16.99 -27.95
C LEU D 57 7.85 15.97 -28.90
N ARG D 58 8.52 16.49 -29.93
CA ARG D 58 9.20 15.66 -30.93
C ARG D 58 10.68 16.05 -30.98
N PRO D 59 11.54 15.13 -31.45
CA PRO D 59 12.98 15.44 -31.53
C PRO D 59 13.23 16.73 -32.28
N GLY D 60 13.79 17.72 -31.59
CA GLY D 60 14.07 18.99 -32.23
C GLY D 60 13.21 20.13 -31.73
N ASP D 61 12.33 19.85 -30.77
CA ASP D 61 11.47 20.86 -30.22
C ASP D 61 12.14 21.50 -29.01
N SER D 62 11.77 22.74 -28.71
CA SER D 62 12.32 23.46 -27.58
C SER D 62 11.45 23.32 -26.34
N LEU D 63 11.83 22.41 -25.44
CA LEU D 63 11.06 22.20 -24.22
C LEU D 63 10.69 23.52 -23.57
N ARG D 64 11.69 24.38 -23.38
CA ARG D 64 11.47 25.68 -22.76
C ARG D 64 10.39 26.45 -23.51
N ARG D 65 10.57 26.58 -24.82
CA ARG D 65 9.61 27.29 -25.66
C ARG D 65 8.21 26.75 -25.41
N SER D 66 8.00 25.47 -25.72
CA SER D 66 6.72 24.80 -25.54
C SER D 66 6.07 25.15 -24.19
N ILE D 67 6.79 24.83 -23.11
CA ILE D 67 6.30 25.09 -21.75
C ILE D 67 5.74 26.49 -21.54
N ASP D 68 6.43 27.51 -22.04
CA ASP D 68 5.94 28.88 -21.87
C ASP D 68 4.64 29.10 -22.64
N LYS D 69 4.59 28.64 -23.89
CA LYS D 69 3.37 28.79 -24.68
C LYS D 69 2.21 28.27 -23.85
N GLY D 70 2.44 27.19 -23.12
CA GLY D 70 1.40 26.62 -22.29
C GLY D 70 1.01 27.54 -21.14
N LEU D 71 2.00 27.92 -20.33
CA LEU D 71 1.78 28.80 -19.18
C LEU D 71 1.24 30.16 -19.58
N GLY D 72 1.57 30.61 -20.78
CA GLY D 72 1.09 31.89 -21.25
C GLY D 72 -0.33 31.80 -21.78
N SER D 73 -1.07 30.80 -21.35
CA SER D 73 -2.45 30.63 -21.81
C SER D 73 -3.21 29.62 -20.96
N SER D 74 -2.51 29.03 -20.00
CA SER D 74 -3.11 28.05 -19.10
C SER D 74 -2.73 28.39 -17.67
N ARG D 75 -3.53 27.95 -16.72
CA ARG D 75 -3.23 28.21 -15.33
C ARG D 75 -2.10 27.28 -14.89
N PHE D 76 -2.23 25.99 -15.17
CA PHE D 76 -1.22 25.01 -14.79
C PHE D 76 -0.75 24.14 -15.95
N GLY D 77 0.42 23.55 -15.77
CA GLY D 77 0.96 22.67 -16.78
C GLY D 77 1.37 21.33 -16.18
N ILE D 78 0.90 20.26 -16.80
CA ILE D 78 1.23 18.92 -16.36
C ILE D 78 2.33 18.46 -17.29
N VAL D 79 3.41 17.91 -16.76
CA VAL D 79 4.46 17.40 -17.63
C VAL D 79 4.59 15.92 -17.35
N VAL D 80 4.31 15.11 -18.37
CA VAL D 80 4.39 13.65 -18.24
C VAL D 80 5.84 13.21 -18.40
N LEU D 81 6.49 12.87 -17.29
CA LEU D 81 7.88 12.42 -17.33
C LEU D 81 7.93 10.90 -17.51
N SER D 82 8.31 10.45 -18.69
CA SER D 82 8.40 9.02 -18.97
C SER D 82 9.69 8.69 -19.72
N THR D 83 9.86 7.44 -20.09
CA THR D 83 11.05 7.04 -20.83
C THR D 83 11.11 7.82 -22.13
N HIS D 84 10.01 7.80 -22.87
CA HIS D 84 9.94 8.53 -24.14
C HIS D 84 10.26 10.00 -23.98
N PHE D 85 9.91 10.58 -22.83
CA PHE D 85 10.17 11.99 -22.62
C PHE D 85 11.67 12.27 -22.43
N PHE D 86 12.38 11.37 -21.76
CA PHE D 86 13.81 11.59 -21.55
C PHE D 86 14.65 11.25 -22.77
N LYS D 87 14.19 10.27 -23.55
CA LYS D 87 14.88 9.86 -24.77
C LYS D 87 15.02 11.04 -25.72
N LYS D 88 14.17 12.05 -25.52
CA LYS D 88 14.21 13.23 -26.36
C LYS D 88 15.52 14.00 -26.10
N GLU D 89 16.30 13.51 -25.14
CA GLU D 89 17.58 14.11 -24.75
C GLU D 89 17.60 15.62 -24.61
N TRP D 90 16.78 16.12 -23.71
CA TRP D 90 16.68 17.55 -23.46
C TRP D 90 17.97 18.10 -22.84
N PRO D 91 18.15 19.43 -22.89
CA PRO D 91 19.33 20.09 -22.32
C PRO D 91 19.16 20.19 -20.81
N GLN D 92 20.18 19.78 -20.07
CA GLN D 92 20.16 19.81 -18.60
C GLN D 92 19.50 21.03 -17.93
N LYS D 93 19.82 22.24 -18.40
CA LYS D 93 19.26 23.46 -17.80
C LYS D 93 17.74 23.56 -17.89
N GLU D 94 17.19 23.33 -19.08
CA GLU D 94 15.75 23.39 -19.31
C GLU D 94 15.02 22.48 -18.32
N LEU D 95 15.58 21.29 -18.09
CA LEU D 95 15.00 20.33 -17.16
C LEU D 95 15.01 20.83 -15.73
N ASP D 96 16.18 21.23 -15.26
CA ASP D 96 16.33 21.73 -13.89
C ASP D 96 15.54 23.01 -13.68
N GLY D 97 15.63 23.93 -14.64
CA GLY D 97 14.93 25.18 -14.53
C GLY D 97 13.44 25.05 -14.82
N LEU D 98 13.01 23.83 -15.13
CA LEU D 98 11.61 23.55 -15.45
C LEU D 98 10.69 23.61 -14.24
N PHE D 99 11.25 23.65 -13.03
CA PHE D 99 10.43 23.67 -11.83
C PHE D 99 10.62 24.88 -10.93
N GLN D 100 11.41 25.85 -11.38
CA GLN D 100 11.66 27.04 -10.59
C GLN D 100 10.79 28.20 -11.05
N ARG D 106 4.18 26.15 -4.64
CA ARG D 106 3.62 27.31 -5.32
C ARG D 106 3.98 27.37 -6.80
N SER D 107 4.53 26.26 -7.33
CA SER D 107 4.92 26.21 -8.74
C SER D 107 3.68 26.00 -9.62
N ARG D 108 3.79 26.32 -10.90
CA ARG D 108 2.67 26.19 -11.82
C ARG D 108 2.75 24.95 -12.69
N ILE D 109 3.91 24.31 -12.71
CA ILE D 109 4.09 23.10 -13.49
C ILE D 109 4.04 21.89 -12.57
N LEU D 110 3.13 20.96 -12.89
CA LEU D 110 2.93 19.77 -12.09
C LEU D 110 3.37 18.51 -12.81
N PRO D 111 4.51 17.92 -12.40
CA PRO D 111 4.96 16.70 -13.08
C PRO D 111 4.26 15.42 -12.62
N ILE D 112 4.20 14.45 -13.52
CA ILE D 112 3.60 13.15 -13.25
C ILE D 112 4.60 12.11 -13.72
N TRP D 113 5.08 11.27 -12.80
CA TRP D 113 6.02 10.23 -13.17
C TRP D 113 5.20 9.06 -13.72
N HIS D 114 5.60 8.56 -14.87
CA HIS D 114 4.90 7.45 -15.48
C HIS D 114 5.85 6.38 -16.00
N LYS D 115 5.89 5.25 -15.32
CA LYS D 115 6.74 4.12 -15.69
C LYS D 115 8.23 4.42 -15.86
N VAL D 116 8.79 5.28 -15.01
CA VAL D 116 10.22 5.58 -15.04
C VAL D 116 10.79 5.25 -13.66
N SER D 117 12.09 4.98 -13.58
CA SER D 117 12.67 4.67 -12.27
C SER D 117 13.40 5.90 -11.72
N LYS D 118 13.57 5.97 -10.40
CA LYS D 118 14.26 7.10 -9.81
C LYS D 118 15.67 7.19 -10.38
N ASP D 119 16.36 6.05 -10.47
CA ASP D 119 17.72 6.00 -11.04
C ASP D 119 17.74 6.42 -12.51
N GLU D 120 16.63 6.20 -13.21
CA GLU D 120 16.50 6.57 -14.61
C GLU D 120 16.42 8.10 -14.68
N VAL D 121 15.43 8.66 -14.00
CA VAL D 121 15.21 10.09 -13.96
C VAL D 121 16.47 10.83 -13.48
N ALA D 122 17.12 10.26 -12.46
CA ALA D 122 18.32 10.85 -11.89
C ALA D 122 19.49 11.00 -12.87
N SER D 123 19.49 10.22 -13.94
CA SER D 123 20.60 10.31 -14.88
C SER D 123 20.44 11.44 -15.91
N PHE D 124 19.30 12.13 -15.87
CA PHE D 124 19.05 13.24 -16.80
C PHE D 124 18.97 14.54 -16.00
N SER D 125 18.57 14.43 -14.75
CA SER D 125 18.45 15.58 -13.87
C SER D 125 18.28 15.19 -12.41
N PRO D 126 19.38 15.15 -11.64
CA PRO D 126 19.30 14.78 -10.21
C PRO D 126 18.25 15.61 -9.47
N THR D 127 18.11 16.87 -9.89
CA THR D 127 17.12 17.77 -9.30
C THR D 127 15.72 17.18 -9.47
N MET D 128 15.30 17.06 -10.72
CA MET D 128 13.99 16.54 -11.09
C MET D 128 13.69 15.23 -10.36
N ALA D 129 14.70 14.38 -10.24
CA ALA D 129 14.55 13.08 -9.58
C ALA D 129 14.38 13.16 -8.07
N ASP D 130 14.46 14.37 -7.51
CA ASP D 130 14.31 14.53 -6.08
C ASP D 130 13.07 15.33 -5.70
N LYS D 131 12.52 16.07 -6.67
CA LYS D 131 11.32 16.84 -6.38
C LYS D 131 10.12 15.92 -6.31
N LEU D 132 9.47 15.85 -5.15
CA LEU D 132 8.29 15.01 -5.00
C LEU D 132 7.30 15.46 -6.09
N ALA D 133 6.66 14.49 -6.75
CA ALA D 133 5.72 14.77 -7.84
C ALA D 133 4.63 13.70 -7.89
N PHE D 134 3.68 13.85 -8.81
CA PHE D 134 2.63 12.84 -8.95
C PHE D 134 3.27 11.64 -9.61
N ASN D 135 2.77 10.44 -9.33
CA ASN D 135 3.40 9.24 -9.85
C ASN D 135 2.38 8.11 -10.07
N THR D 136 2.15 7.77 -11.34
CA THR D 136 1.20 6.72 -11.67
C THR D 136 1.49 5.34 -11.09
N SER D 137 2.60 5.19 -10.37
CA SER D 137 2.91 3.89 -9.78
C SER D 137 2.47 3.85 -8.33
N THR D 138 2.22 5.02 -7.74
CA THR D 138 1.77 5.08 -6.35
C THR D 138 0.30 5.48 -6.26
N LYS D 139 -0.18 6.21 -7.26
CA LYS D 139 -1.58 6.64 -7.31
C LYS D 139 -2.14 6.28 -8.68
N SER D 140 -3.45 6.10 -8.78
CA SER D 140 -4.08 5.79 -10.06
C SER D 140 -4.34 7.12 -10.76
N VAL D 141 -4.70 7.11 -12.03
CA VAL D 141 -4.97 8.37 -12.72
C VAL D 141 -6.19 9.04 -12.07
N ASP D 142 -7.14 8.23 -11.62
CA ASP D 142 -8.34 8.76 -10.97
C ASP D 142 -7.91 9.58 -9.76
N GLU D 143 -7.23 8.91 -8.83
CA GLU D 143 -6.74 9.55 -7.62
C GLU D 143 -5.93 10.81 -7.92
N ILE D 144 -5.10 10.74 -8.95
CA ILE D 144 -4.26 11.88 -9.32
C ILE D 144 -5.11 13.03 -9.85
N VAL D 145 -6.12 12.72 -10.65
CA VAL D 145 -6.98 13.76 -11.19
C VAL D 145 -7.75 14.43 -10.04
N ALA D 146 -8.12 13.65 -9.03
CA ALA D 146 -8.83 14.18 -7.87
C ALA D 146 -7.93 15.21 -7.18
N ASP D 147 -6.71 14.78 -6.87
CA ASP D 147 -5.77 15.69 -6.23
C ASP D 147 -5.55 16.90 -7.14
N LEU D 148 -5.62 16.70 -8.46
CA LEU D 148 -5.42 17.80 -9.39
C LEU D 148 -6.58 18.80 -9.40
N MET D 149 -7.81 18.31 -9.26
CA MET D 149 -8.96 19.21 -9.23
C MET D 149 -8.89 20.09 -7.98
N ALA D 150 -8.39 19.52 -6.89
CA ALA D 150 -8.24 20.27 -5.64
C ALA D 150 -7.28 21.43 -5.85
N ILE D 151 -6.21 21.19 -6.62
CA ILE D 151 -5.21 22.21 -6.91
C ILE D 151 -5.76 23.28 -7.86
N ILE D 152 -6.65 22.87 -8.77
CA ILE D 152 -7.24 23.82 -9.70
C ILE D 152 -8.24 24.67 -8.92
N ARG D 153 -9.06 24.00 -8.12
CA ARG D 153 -10.07 24.68 -7.32
C ARG D 153 -9.44 25.28 -6.05
#